data_2QJC
#
_entry.id   2QJC
#
_cell.length_a   45.662
_cell.length_b   62.207
_cell.length_c   81.296
_cell.angle_alpha   90.00
_cell.angle_beta   90.00
_cell.angle_gamma   90.00
#
_symmetry.space_group_name_H-M   'P 21 21 21'
#
loop_
_entity.id
_entity.type
_entity.pdbx_description
1 polymer 'Diadenosine tetraphosphatase, putative'
2 non-polymer 'MANGANESE (II) ION'
3 non-polymer 'PHOSPHATE ION'
4 water water
#
_entity_poly.entity_id   1
_entity_poly.type   'polypeptide(L)'
_entity_poly.pdbx_seq_one_letter_code
;(MSE)SLKVQGYANVVTLPNVTGRVIIVGDIHGCRAQLEDLLRAVSFKQGSDTLVAVGDLVNKGPDSFGVVRLLKRLGAY
SVLGNHDAKLLKLVKKLGKKECLKGRDAKSSLAPLAQSIPTDVETYLSQLPHIIRIPAHNV(MSE)VAHAGLHPQRPVDR
QYEDEVTT(MSE)RNLIEKEQEATGGVTLTATEETNDGGKPWAS(MSE)WRGPETVVFGHDARRGLQEQYKPLAIGLDSR
CVYGGRLSAAVFPGGCIISVPGWNGASAAAEGHHHHHH
;
_entity_poly.pdbx_strand_id   A
#
# COMPACT_ATOMS: atom_id res chain seq x y z
N TYR A 8 -17.05 -0.25 9.36
CA TYR A 8 -15.63 -0.73 9.39
C TYR A 8 -14.93 -0.47 8.06
N ALA A 9 -13.68 -0.90 7.98
CA ALA A 9 -12.86 -0.74 6.79
C ALA A 9 -13.46 -1.54 5.63
N ASN A 10 -13.41 -0.97 4.42
CA ASN A 10 -13.97 -1.61 3.23
C ASN A 10 -13.06 -2.68 2.61
N VAL A 11 -13.63 -3.86 2.40
CA VAL A 11 -12.92 -5.00 1.84
C VAL A 11 -13.36 -5.42 0.43
N VAL A 12 -12.39 -5.62 -0.46
CA VAL A 12 -12.65 -6.05 -1.83
C VAL A 12 -11.99 -7.42 -2.03
N THR A 13 -12.74 -8.36 -2.60
CA THR A 13 -12.24 -9.71 -2.84
C THR A 13 -12.17 -10.04 -4.34
N LEU A 14 -11.04 -10.61 -4.76
CA LEU A 14 -10.81 -10.95 -6.16
C LEU A 14 -10.55 -12.46 -6.35
N PRO A 15 -11.60 -13.29 -6.25
CA PRO A 15 -11.46 -14.75 -6.41
C PRO A 15 -11.00 -15.23 -7.78
N ASN A 16 -11.29 -14.46 -8.81
CA ASN A 16 -10.94 -14.82 -10.19
C ASN A 16 -9.50 -14.49 -10.60
N VAL A 17 -8.78 -13.72 -9.78
CA VAL A 17 -7.39 -13.39 -10.13
C VAL A 17 -6.47 -14.54 -9.76
N THR A 18 -6.20 -15.40 -10.74
CA THR A 18 -5.36 -16.57 -10.55
C THR A 18 -4.05 -16.46 -11.33
N GLY A 19 -3.92 -15.41 -12.14
CA GLY A 19 -2.71 -15.21 -12.90
C GLY A 19 -1.65 -14.59 -12.01
N ARG A 20 -0.59 -14.08 -12.63
CA ARG A 20 0.52 -13.45 -11.93
C ARG A 20 0.08 -12.12 -11.31
N VAL A 21 0.44 -11.89 -10.05
CA VAL A 21 0.07 -10.66 -9.35
C VAL A 21 1.28 -9.88 -8.84
N ILE A 22 1.29 -8.57 -9.12
CA ILE A 22 2.39 -7.71 -8.72
C ILE A 22 1.88 -6.65 -7.73
N ILE A 23 2.45 -6.66 -6.53
CA ILE A 23 2.06 -5.75 -5.46
C ILE A 23 3.23 -4.79 -5.19
N VAL A 24 2.96 -3.50 -5.32
CA VAL A 24 4.00 -2.48 -5.14
C VAL A 24 3.87 -1.60 -3.90
N GLY A 25 5.03 -1.23 -3.34
CA GLY A 25 5.09 -0.41 -2.14
C GLY A 25 4.75 1.06 -2.36
N ASP A 26 4.92 1.87 -1.32
CA ASP A 26 4.58 3.29 -1.38
C ASP A 26 5.22 4.00 -2.58
N ILE A 27 4.37 4.53 -3.46
CA ILE A 27 4.85 5.23 -4.67
C ILE A 27 5.10 6.73 -4.43
N HIS A 28 4.19 7.38 -3.71
CA HIS A 28 4.35 8.80 -3.40
C HIS A 28 4.78 9.66 -4.60
N GLY A 29 3.98 9.65 -5.66
CA GLY A 29 4.28 10.45 -6.84
C GLY A 29 5.56 10.17 -7.60
N CYS A 30 6.23 9.06 -7.33
CA CYS A 30 7.47 8.73 -8.06
C CYS A 30 7.16 7.90 -9.31
N ARG A 31 6.54 8.55 -10.28
CA ARG A 31 6.13 7.92 -11.54
C ARG A 31 7.28 7.29 -12.32
N ALA A 32 8.38 8.02 -12.48
CA ALA A 32 9.52 7.49 -13.21
C ALA A 32 9.94 6.16 -12.61
N GLN A 33 10.01 6.13 -11.28
CA GLN A 33 10.39 4.93 -10.53
C GLN A 33 9.41 3.77 -10.75
N LEU A 34 8.12 4.09 -10.83
CA LEU A 34 7.11 3.05 -11.04
C LEU A 34 7.31 2.44 -12.44
N GLU A 35 7.57 3.28 -13.43
CA GLU A 35 7.80 2.82 -14.79
C GLU A 35 9.00 1.86 -14.82
N ASP A 36 10.06 2.23 -14.11
CA ASP A 36 11.25 1.39 -14.07
C ASP A 36 10.93 0.06 -13.42
N LEU A 37 10.11 0.09 -12.36
CA LEU A 37 9.75 -1.14 -11.68
C LEU A 37 8.93 -2.06 -12.58
N LEU A 38 8.03 -1.48 -13.37
CA LEU A 38 7.20 -2.26 -14.27
C LEU A 38 8.07 -2.96 -15.32
N ARG A 39 9.09 -2.26 -15.81
CA ARG A 39 10.01 -2.85 -16.78
C ARG A 39 10.83 -3.89 -16.05
N ALA A 40 11.13 -3.62 -14.78
CA ALA A 40 11.92 -4.53 -13.96
C ALA A 40 11.24 -5.87 -13.65
N VAL A 41 9.93 -5.95 -13.83
CA VAL A 41 9.22 -7.20 -13.56
C VAL A 41 8.63 -7.76 -14.86
N SER A 42 8.84 -7.03 -15.95
CA SER A 42 8.32 -7.45 -17.26
C SER A 42 6.80 -7.50 -17.22
N PHE A 43 6.20 -6.41 -16.75
CA PHE A 43 4.75 -6.29 -16.65
C PHE A 43 4.08 -6.49 -18.01
N LYS A 44 3.11 -7.39 -18.07
CA LYS A 44 2.39 -7.67 -19.31
C LYS A 44 0.92 -7.31 -19.18
N GLN A 45 0.58 -6.08 -19.57
CA GLN A 45 -0.80 -5.62 -19.49
C GLN A 45 -1.75 -6.66 -20.05
N GLY A 46 -2.94 -6.77 -19.46
CA GLY A 46 -3.91 -7.75 -19.93
C GLY A 46 -3.65 -9.12 -19.33
N SER A 47 -2.42 -9.37 -18.94
CA SER A 47 -2.04 -10.66 -18.34
C SER A 47 -1.86 -10.52 -16.84
N ASP A 48 -0.87 -9.74 -16.43
CA ASP A 48 -0.62 -9.53 -15.01
C ASP A 48 -1.63 -8.57 -14.40
N THR A 49 -1.73 -8.62 -13.07
CA THR A 49 -2.62 -7.73 -12.34
C THR A 49 -1.70 -6.93 -11.42
N LEU A 50 -1.93 -5.63 -11.35
CA LEU A 50 -1.11 -4.77 -10.51
C LEU A 50 -1.93 -4.28 -9.31
N VAL A 51 -1.31 -4.31 -8.13
CA VAL A 51 -1.98 -3.86 -6.91
C VAL A 51 -1.04 -2.99 -6.07
N ALA A 52 -1.43 -1.76 -5.79
CA ALA A 52 -0.62 -0.85 -4.97
C ALA A 52 -1.03 -0.92 -3.49
N VAL A 53 -0.11 -0.60 -2.60
CA VAL A 53 -0.41 -0.63 -1.16
C VAL A 53 -0.93 0.75 -0.68
N GLY A 54 -1.08 1.68 -1.61
CA GLY A 54 -1.57 2.99 -1.23
C GLY A 54 -0.48 4.02 -1.08
N ASP A 55 -0.87 5.26 -0.79
CA ASP A 55 0.08 6.36 -0.65
C ASP A 55 0.64 6.60 -2.04
N LEU A 56 -0.27 6.84 -2.97
CA LEU A 56 0.06 7.10 -4.36
C LEU A 56 0.53 8.54 -4.58
N VAL A 57 0.12 9.42 -3.68
CA VAL A 57 0.45 10.84 -3.79
C VAL A 57 1.33 11.44 -2.69
N ASN A 58 1.58 12.74 -2.84
CA ASN A 58 2.37 13.53 -1.90
C ASN A 58 3.87 13.18 -1.90
N LYS A 59 4.68 14.20 -1.61
CA LYS A 59 6.14 14.10 -1.53
C LYS A 59 6.87 13.98 -2.87
N GLY A 60 6.39 13.09 -3.74
CA GLY A 60 7.00 12.89 -5.03
C GLY A 60 6.75 13.99 -6.05
N PRO A 61 7.49 14.01 -7.16
CA PRO A 61 7.32 15.04 -8.19
C PRO A 61 6.04 14.98 -9.01
N ASP A 62 5.49 13.78 -9.23
CA ASP A 62 4.29 13.68 -10.03
C ASP A 62 3.16 12.79 -9.48
N SER A 63 2.42 13.33 -8.51
CA SER A 63 1.31 12.59 -7.91
C SER A 63 0.22 12.27 -8.93
N PHE A 64 -0.14 13.25 -9.74
CA PHE A 64 -1.18 13.09 -10.74
C PHE A 64 -0.87 12.05 -11.83
N GLY A 65 0.38 12.03 -12.28
CA GLY A 65 0.76 11.07 -13.32
C GLY A 65 0.72 9.65 -12.80
N VAL A 66 1.09 9.47 -11.54
CA VAL A 66 1.09 8.16 -10.90
C VAL A 66 -0.31 7.56 -10.90
N VAL A 67 -1.28 8.36 -10.50
CA VAL A 67 -2.66 7.91 -10.42
C VAL A 67 -3.29 7.65 -11.78
N ARG A 68 -2.93 8.47 -12.76
CA ARG A 68 -3.46 8.30 -14.11
C ARG A 68 -2.87 7.08 -14.80
N LEU A 69 -1.62 6.78 -14.49
CA LEU A 69 -0.96 5.61 -15.06
C LEU A 69 -1.66 4.37 -14.54
N LEU A 70 -1.86 4.30 -13.23
CA LEU A 70 -2.53 3.16 -12.62
C LEU A 70 -3.94 2.99 -13.18
N LYS A 71 -4.61 4.12 -13.44
CA LYS A 71 -5.96 4.09 -13.98
C LYS A 71 -6.00 3.49 -15.40
N ARG A 72 -5.13 3.99 -16.29
CA ARG A 72 -5.09 3.49 -17.66
C ARG A 72 -4.69 2.01 -17.68
N LEU A 73 -3.94 1.57 -16.68
CA LEU A 73 -3.52 0.17 -16.61
C LEU A 73 -4.55 -0.76 -16.00
N GLY A 74 -5.61 -0.19 -15.44
CA GLY A 74 -6.64 -1.01 -14.82
C GLY A 74 -6.16 -1.56 -13.50
N ALA A 75 -5.10 -0.96 -12.97
CA ALA A 75 -4.50 -1.38 -11.70
C ALA A 75 -5.35 -1.13 -10.47
N TYR A 76 -5.16 -1.98 -9.46
CA TYR A 76 -5.87 -1.86 -8.18
C TYR A 76 -4.98 -1.18 -7.16
N SER A 77 -5.57 -0.79 -6.03
CA SER A 77 -4.83 -0.16 -4.95
C SER A 77 -5.71 0.01 -3.72
N VAL A 78 -5.11 -0.12 -2.54
CA VAL A 78 -5.89 0.12 -1.35
C VAL A 78 -5.63 1.58 -1.01
N LEU A 79 -6.36 2.09 -0.04
CA LEU A 79 -6.23 3.49 0.36
C LEU A 79 -5.14 3.69 1.40
N GLY A 80 -4.21 4.61 1.12
CA GLY A 80 -3.13 4.92 2.04
C GLY A 80 -3.55 6.08 2.93
N ASN A 81 -2.79 6.38 4.00
CA ASN A 81 -3.22 7.49 4.84
C ASN A 81 -2.97 8.86 4.25
N HIS A 82 -2.03 8.95 3.31
CA HIS A 82 -1.77 10.23 2.65
C HIS A 82 -2.86 10.44 1.61
N ASP A 83 -3.33 9.36 1.02
CA ASP A 83 -4.41 9.45 0.04
C ASP A 83 -5.65 9.90 0.81
N ALA A 84 -5.86 9.27 1.97
CA ALA A 84 -7.03 9.56 2.81
C ALA A 84 -7.06 11.01 3.30
N LYS A 85 -5.94 11.53 3.76
CA LYS A 85 -5.87 12.90 4.26
C LYS A 85 -6.10 13.89 3.14
N LEU A 86 -5.64 13.57 1.94
CA LEU A 86 -5.82 14.47 0.80
C LEU A 86 -7.31 14.56 0.45
N LEU A 87 -7.99 13.42 0.40
CA LEU A 87 -9.43 13.42 0.09
C LEU A 87 -10.17 14.21 1.15
N LYS A 88 -9.74 14.06 2.39
CA LYS A 88 -10.35 14.77 3.50
C LYS A 88 -10.19 16.28 3.31
N LEU A 89 -8.97 16.73 3.01
CA LEU A 89 -8.69 18.14 2.80
C LEU A 89 -9.42 18.73 1.61
N VAL A 90 -9.63 17.90 0.59
CA VAL A 90 -10.32 18.33 -0.61
C VAL A 90 -11.81 18.50 -0.36
N LYS A 91 -12.44 17.50 0.25
CA LYS A 91 -13.87 17.58 0.52
C LYS A 91 -14.19 18.83 1.32
N LYS A 92 -13.16 19.39 1.96
CA LYS A 92 -13.33 20.62 2.73
C LYS A 92 -13.27 21.75 1.70
N LEU A 93 -14.14 21.66 0.70
CA LEU A 93 -14.24 22.63 -0.38
C LEU A 93 -13.49 23.93 -0.11
N SER A 107 2.54 18.42 2.80
CA SER A 107 2.08 19.54 1.99
C SER A 107 0.88 19.15 1.13
N LEU A 108 -0.15 18.61 1.76
CA LEU A 108 -1.35 18.19 1.05
C LEU A 108 -2.22 19.36 0.63
N ALA A 109 -2.03 20.52 1.27
CA ALA A 109 -2.82 21.71 0.94
C ALA A 109 -2.63 22.09 -0.52
N PRO A 110 -1.38 22.33 -0.96
CA PRO A 110 -1.16 22.69 -2.35
C PRO A 110 -1.76 21.65 -3.31
N LEU A 111 -1.63 20.37 -2.95
CA LEU A 111 -2.16 19.28 -3.77
C LEU A 111 -3.68 19.29 -3.81
N ALA A 112 -4.31 19.59 -2.68
CA ALA A 112 -5.76 19.62 -2.60
C ALA A 112 -6.36 20.69 -3.52
N GLN A 113 -5.70 21.84 -3.63
CA GLN A 113 -6.22 22.91 -4.47
C GLN A 113 -6.08 22.61 -5.97
N SER A 114 -5.10 21.76 -6.30
CA SER A 114 -4.84 21.43 -7.70
C SER A 114 -5.30 20.06 -8.19
N ILE A 115 -5.93 19.26 -7.33
CA ILE A 115 -6.36 17.93 -7.76
C ILE A 115 -7.53 17.90 -8.75
N PRO A 116 -7.30 17.31 -9.94
CA PRO A 116 -8.32 17.20 -10.98
C PRO A 116 -9.36 16.13 -10.68
N THR A 117 -10.54 16.29 -11.29
CA THR A 117 -11.67 15.37 -11.10
C THR A 117 -11.35 13.89 -11.26
N ASP A 118 -10.75 13.51 -12.39
CA ASP A 118 -10.44 12.11 -12.64
C ASP A 118 -9.58 11.53 -11.50
N VAL A 119 -8.48 12.19 -11.18
CA VAL A 119 -7.61 11.72 -10.11
C VAL A 119 -8.42 11.54 -8.81
N GLU A 120 -9.12 12.59 -8.42
CA GLU A 120 -9.94 12.55 -7.21
C GLU A 120 -10.94 11.39 -7.23
N THR A 121 -11.46 11.09 -8.42
CA THR A 121 -12.42 10.00 -8.57
C THR A 121 -11.78 8.64 -8.35
N TYR A 122 -10.59 8.44 -8.92
CA TYR A 122 -9.87 7.18 -8.78
C TYR A 122 -9.57 6.88 -7.31
N LEU A 123 -9.09 7.91 -6.60
CA LEU A 123 -8.75 7.77 -5.18
C LEU A 123 -9.99 7.54 -4.32
N SER A 124 -11.07 8.19 -4.70
CA SER A 124 -12.32 8.12 -3.97
C SER A 124 -12.99 6.73 -4.01
N GLN A 125 -12.50 5.86 -4.89
CA GLN A 125 -13.09 4.53 -4.99
C GLN A 125 -12.21 3.40 -4.44
N LEU A 126 -11.08 3.77 -3.84
CA LEU A 126 -10.17 2.76 -3.31
C LEU A 126 -10.63 2.12 -1.99
N PRO A 127 -10.54 0.79 -1.90
CA PRO A 127 -10.95 0.09 -0.68
C PRO A 127 -9.78 0.16 0.31
N HIS A 128 -9.99 -0.32 1.52
CA HIS A 128 -8.94 -0.32 2.53
C HIS A 128 -8.17 -1.63 2.49
N ILE A 129 -8.88 -2.70 2.14
CA ILE A 129 -8.29 -4.04 2.09
C ILE A 129 -8.67 -4.80 0.83
N ILE A 130 -7.72 -5.51 0.25
CA ILE A 130 -7.98 -6.32 -0.94
C ILE A 130 -7.52 -7.75 -0.68
N ARG A 131 -8.42 -8.70 -0.88
CA ARG A 131 -8.10 -10.11 -0.69
C ARG A 131 -7.87 -10.78 -2.05
N ILE A 132 -6.77 -11.52 -2.17
CA ILE A 132 -6.40 -12.23 -3.40
C ILE A 132 -6.21 -13.69 -2.96
N PRO A 133 -7.33 -14.38 -2.72
CA PRO A 133 -7.38 -15.78 -2.27
C PRO A 133 -6.62 -16.84 -3.07
N ALA A 134 -6.54 -16.68 -4.38
CA ALA A 134 -5.85 -17.66 -5.21
C ALA A 134 -4.38 -17.81 -4.80
N HIS A 135 -3.80 -16.72 -4.31
CA HIS A 135 -2.41 -16.70 -3.89
C HIS A 135 -2.27 -16.62 -2.37
N ASN A 136 -3.41 -16.76 -1.67
CA ASN A 136 -3.48 -16.67 -0.22
C ASN A 136 -2.80 -15.39 0.29
N VAL A 137 -3.19 -14.27 -0.30
CA VAL A 137 -2.63 -12.96 0.06
C VAL A 137 -3.72 -11.94 0.44
N VAL A 139 -3.96 -7.52 1.08
CA VAL A 139 -3.27 -6.24 1.01
C VAL A 139 -3.97 -5.15 1.84
N ALA A 140 -3.19 -4.47 2.67
CA ALA A 140 -3.66 -3.36 3.51
C ALA A 140 -2.51 -2.34 3.50
N HIS A 141 -2.81 -1.07 3.75
CA HIS A 141 -1.76 -0.06 3.71
C HIS A 141 -0.70 -0.16 4.82
N ALA A 142 -1.14 -0.23 6.07
CA ALA A 142 -0.20 -0.31 7.20
C ALA A 142 -0.19 -1.68 7.87
N GLY A 143 -1.35 -2.33 7.92
CA GLY A 143 -1.41 -3.64 8.55
C GLY A 143 -2.82 -4.06 8.90
N LEU A 144 -2.92 -5.14 9.66
CA LEU A 144 -4.23 -5.65 10.11
C LEU A 144 -4.14 -5.97 11.59
N HIS A 145 -5.22 -5.73 12.32
CA HIS A 145 -5.20 -6.04 13.75
C HIS A 145 -5.36 -7.56 13.84
N PRO A 146 -4.36 -8.25 14.39
CA PRO A 146 -4.38 -9.71 14.53
C PRO A 146 -5.46 -10.32 15.44
N GLN A 147 -6.28 -9.49 16.05
CA GLN A 147 -7.33 -10.02 16.93
C GLN A 147 -8.74 -9.65 16.46
N ARG A 148 -8.83 -9.03 15.29
CA ARG A 148 -10.13 -8.65 14.75
C ARG A 148 -10.36 -9.34 13.41
N PRO A 149 -11.62 -9.69 13.11
CA PRO A 149 -11.96 -10.36 11.84
C PRO A 149 -11.65 -9.40 10.69
N VAL A 150 -11.21 -9.96 9.56
CA VAL A 150 -10.86 -9.18 8.39
C VAL A 150 -11.95 -8.19 7.99
N ASP A 151 -13.21 -8.62 8.12
CA ASP A 151 -14.34 -7.78 7.76
C ASP A 151 -14.74 -6.80 8.87
N ARG A 152 -14.09 -6.90 10.01
CA ARG A 152 -14.39 -6.01 11.13
C ARG A 152 -13.15 -5.25 11.61
N GLN A 153 -12.38 -4.75 10.65
CA GLN A 153 -11.18 -3.98 10.94
C GLN A 153 -11.57 -2.51 10.95
N TYR A 154 -10.68 -1.65 11.46
CA TYR A 154 -10.94 -0.22 11.54
C TYR A 154 -9.98 0.57 10.64
N GLU A 155 -10.53 1.56 9.95
CA GLU A 155 -9.79 2.42 9.03
C GLU A 155 -8.53 3.10 9.57
N ASP A 156 -8.64 3.72 10.74
CA ASP A 156 -7.49 4.39 11.34
C ASP A 156 -6.35 3.41 11.58
N GLU A 157 -6.67 2.21 12.06
CA GLU A 157 -5.66 1.20 12.33
C GLU A 157 -5.04 0.63 11.05
N VAL A 158 -5.88 0.21 10.10
CA VAL A 158 -5.36 -0.37 8.87
C VAL A 158 -4.56 0.60 7.97
N THR A 159 -4.67 1.90 8.22
CA THR A 159 -3.94 2.85 7.40
C THR A 159 -2.78 3.56 8.11
N THR A 160 -2.66 3.36 9.43
CA THR A 160 -1.58 4.03 10.18
C THR A 160 -0.77 3.22 11.20
N ARG A 162 1.82 0.97 13.28
CA ARG A 162 3.23 0.61 13.22
C ARG A 162 3.54 -0.39 14.34
N ASN A 163 2.90 -0.16 15.49
CA ASN A 163 3.10 -0.98 16.67
C ASN A 163 1.83 -1.55 17.31
N LEU A 164 2.02 -2.56 18.14
CA LEU A 164 0.94 -3.21 18.90
C LEU A 164 1.45 -3.32 20.34
N ILE A 165 0.67 -2.80 21.27
CA ILE A 165 1.03 -2.81 22.69
C ILE A 165 0.05 -3.65 23.51
N GLU A 166 0.60 -4.54 24.33
CA GLU A 166 -0.24 -5.39 25.17
C GLU A 166 -0.92 -4.53 26.22
N LYS A 167 -2.23 -4.43 26.14
CA LYS A 167 -3.03 -3.65 27.07
C LYS A 167 -4.52 -3.77 26.77
N VAL A 175 -8.64 -8.04 21.15
CA VAL A 175 -9.26 -7.37 22.28
C VAL A 175 -8.25 -7.00 23.37
N THR A 176 -7.05 -7.59 23.32
CA THR A 176 -6.04 -7.30 24.32
C THR A 176 -4.82 -6.50 23.84
N LEU A 177 -4.80 -6.16 22.56
CA LEU A 177 -3.69 -5.40 22.01
C LEU A 177 -4.17 -4.09 21.42
N THR A 178 -3.39 -3.03 21.62
CA THR A 178 -3.74 -1.71 21.09
C THR A 178 -2.84 -1.35 19.91
N ALA A 179 -3.47 -1.06 18.77
CA ALA A 179 -2.74 -0.69 17.56
C ALA A 179 -2.38 0.79 17.64
N THR A 180 -1.13 1.12 17.36
CA THR A 180 -0.74 2.53 17.40
C THR A 180 0.20 2.94 16.27
N GLU A 181 0.02 4.17 15.81
CA GLU A 181 0.85 4.73 14.74
C GLU A 181 2.16 5.23 15.34
N GLU A 182 2.14 5.56 16.62
CA GLU A 182 3.32 6.04 17.30
C GLU A 182 4.22 4.87 17.72
N THR A 183 5.50 5.16 17.93
CA THR A 183 6.45 4.13 18.30
C THR A 183 7.08 4.43 19.66
N ASN A 184 6.71 5.57 20.25
CA ASN A 184 7.24 5.96 21.56
C ASN A 184 6.43 5.48 22.76
N ASP A 185 5.41 4.65 22.52
CA ASP A 185 4.60 4.15 23.62
C ASP A 185 4.90 2.68 23.88
N GLY A 186 6.05 2.22 23.38
CA GLY A 186 6.42 0.84 23.56
C GLY A 186 5.69 -0.07 22.58
N GLY A 187 5.64 -1.36 22.91
CA GLY A 187 4.97 -2.30 22.04
C GLY A 187 5.97 -2.95 21.11
N LYS A 188 5.47 -3.72 20.14
CA LYS A 188 6.32 -4.39 19.18
C LYS A 188 5.79 -4.10 17.78
N PRO A 189 6.66 -4.22 16.76
CA PRO A 189 6.21 -3.97 15.39
C PRO A 189 5.00 -4.86 15.13
N TRP A 190 3.93 -4.27 14.62
CA TRP A 190 2.71 -5.03 14.38
C TRP A 190 2.91 -6.36 13.64
N ALA A 191 3.67 -6.34 12.54
CA ALA A 191 3.88 -7.55 11.76
C ALA A 191 4.40 -8.76 12.54
N SER A 192 5.19 -8.53 13.57
CA SER A 192 5.71 -9.66 14.36
C SER A 192 4.58 -10.41 15.06
N TRP A 194 1.50 -10.98 13.63
CA TRP A 194 0.60 -11.56 12.65
C TRP A 194 0.82 -13.06 12.51
N ARG A 195 -0.26 -13.84 12.52
CA ARG A 195 -0.15 -15.29 12.44
C ARG A 195 -0.73 -15.98 11.21
N GLY A 196 -1.37 -15.24 10.32
CA GLY A 196 -1.93 -15.87 9.12
C GLY A 196 -3.31 -16.47 9.35
N PRO A 197 -3.69 -17.50 8.60
CA PRO A 197 -2.93 -18.20 7.56
C PRO A 197 -2.54 -17.36 6.33
N GLU A 198 -3.23 -16.26 6.08
CA GLU A 198 -2.91 -15.42 4.91
C GLU A 198 -1.61 -14.64 5.06
N THR A 199 -0.96 -14.37 3.93
CA THR A 199 0.24 -13.55 3.93
C THR A 199 -0.27 -12.12 3.72
N VAL A 200 0.07 -11.22 4.63
CA VAL A 200 -0.35 -9.83 4.50
C VAL A 200 0.78 -9.00 3.89
N VAL A 201 0.48 -8.33 2.80
CA VAL A 201 1.46 -7.50 2.12
C VAL A 201 1.09 -6.04 2.39
N PHE A 202 2.05 -5.26 2.86
CA PHE A 202 1.79 -3.86 3.20
C PHE A 202 2.95 -2.91 2.89
N GLY A 203 2.77 -1.64 3.24
CA GLY A 203 3.79 -0.61 3.05
C GLY A 203 3.75 0.33 4.26
N HIS A 204 3.53 1.61 4.02
CA HIS A 204 3.41 2.63 5.08
C HIS A 204 4.60 2.98 5.98
N ASP A 205 5.16 1.98 6.66
CA ASP A 205 6.25 2.16 7.62
C ASP A 205 7.66 2.36 7.04
N ALA A 206 7.87 3.49 6.37
CA ALA A 206 9.17 3.80 5.76
C ALA A 206 10.31 3.78 6.78
N ARG A 207 10.02 4.14 8.03
CA ARG A 207 11.06 4.13 9.07
C ARG A 207 11.77 2.80 9.21
N ARG A 208 11.06 1.71 8.94
CA ARG A 208 11.65 0.37 9.06
C ARG A 208 12.15 -0.21 7.76
N GLY A 209 11.83 0.45 6.64
CA GLY A 209 12.28 -0.05 5.36
C GLY A 209 11.66 -1.39 5.02
N LEU A 210 12.29 -2.10 4.09
CA LEU A 210 11.81 -3.40 3.65
C LEU A 210 11.83 -4.39 4.82
N GLN A 211 10.68 -5.02 5.11
CA GLN A 211 10.59 -5.99 6.19
C GLN A 211 10.35 -7.38 5.61
N GLU A 212 11.33 -8.25 5.73
CA GLU A 212 11.24 -9.62 5.20
C GLU A 212 11.42 -10.72 6.24
N GLN A 213 11.64 -10.35 7.49
CA GLN A 213 11.87 -11.37 8.53
C GLN A 213 10.61 -12.10 8.99
N TYR A 214 9.46 -11.76 8.44
CA TYR A 214 8.24 -12.42 8.86
C TYR A 214 7.67 -13.26 7.73
N LYS A 215 8.44 -13.41 6.67
CA LYS A 215 8.00 -14.23 5.55
C LYS A 215 7.87 -15.65 6.08
N PRO A 216 6.94 -16.43 5.52
CA PRO A 216 6.04 -16.02 4.43
C PRO A 216 4.71 -15.45 4.92
N LEU A 217 4.57 -15.24 6.23
CA LEU A 217 3.33 -14.72 6.79
C LEU A 217 3.07 -13.24 6.53
N ALA A 218 4.12 -12.47 6.31
CA ALA A 218 3.95 -11.04 6.05
C ALA A 218 5.12 -10.46 5.25
N ILE A 219 4.86 -9.34 4.56
CA ILE A 219 5.87 -8.66 3.74
C ILE A 219 5.68 -7.14 3.74
N GLY A 220 6.63 -6.43 4.34
CA GLY A 220 6.57 -4.97 4.36
C GLY A 220 7.37 -4.43 3.19
N LEU A 221 6.69 -3.83 2.22
CA LEU A 221 7.34 -3.32 1.02
C LEU A 221 7.78 -1.86 1.01
N ASP A 222 7.59 -1.12 2.08
CA ASP A 222 7.99 0.29 2.03
C ASP A 222 9.49 0.52 2.18
N SER A 223 10.21 0.38 1.07
CA SER A 223 11.65 0.55 1.01
C SER A 223 12.11 2.02 0.81
N ARG A 224 11.21 2.96 1.09
CA ARG A 224 11.50 4.40 1.02
C ARG A 224 11.80 5.00 -0.34
N CYS A 225 11.09 4.58 -1.38
CA CYS A 225 11.35 5.10 -2.72
C CYS A 225 11.47 6.64 -2.81
N VAL A 226 10.48 7.35 -2.30
CA VAL A 226 10.48 8.82 -2.35
C VAL A 226 11.55 9.51 -1.52
N TYR A 227 12.11 8.81 -0.55
CA TYR A 227 13.15 9.37 0.31
C TYR A 227 14.55 9.03 -0.22
N GLY A 228 14.61 8.47 -1.43
CA GLY A 228 15.89 8.11 -2.02
C GLY A 228 16.32 6.67 -1.78
N GLY A 229 15.38 5.83 -1.35
CA GLY A 229 15.69 4.43 -1.10
C GLY A 229 15.50 3.53 -2.30
N ARG A 230 14.32 2.91 -2.40
CA ARG A 230 13.99 2.01 -3.50
C ARG A 230 12.49 1.74 -3.57
N LEU A 231 12.00 1.32 -4.74
CA LEU A 231 10.59 1.00 -4.94
C LEU A 231 10.56 -0.52 -5.14
N SER A 232 10.00 -1.22 -4.16
CA SER A 232 9.94 -2.67 -4.17
C SER A 232 8.56 -3.25 -4.46
N ALA A 233 8.56 -4.46 -5.01
CA ALA A 233 7.33 -5.16 -5.31
C ALA A 233 7.45 -6.63 -4.95
N ALA A 234 6.32 -7.22 -4.56
CA ALA A 234 6.25 -8.65 -4.23
C ALA A 234 5.53 -9.30 -5.41
N VAL A 235 6.11 -10.39 -5.92
CA VAL A 235 5.55 -11.10 -7.05
C VAL A 235 4.93 -12.43 -6.65
N PHE A 236 3.69 -12.66 -7.07
CA PHE A 236 2.99 -13.90 -6.77
C PHE A 236 2.56 -14.56 -8.08
N PRO A 237 2.65 -15.89 -8.17
CA PRO A 237 3.14 -16.82 -7.14
C PRO A 237 4.62 -16.74 -6.78
N GLY A 238 4.94 -17.18 -5.57
CA GLY A 238 6.32 -17.17 -5.11
C GLY A 238 6.57 -16.22 -3.96
N GLY A 239 6.25 -14.95 -4.16
CA GLY A 239 6.45 -13.96 -3.12
C GLY A 239 7.84 -13.36 -3.19
N CYS A 240 8.42 -13.37 -4.39
CA CYS A 240 9.76 -12.81 -4.59
C CYS A 240 9.73 -11.29 -4.67
N ILE A 241 10.73 -10.67 -4.04
CA ILE A 241 10.82 -9.21 -4.03
C ILE A 241 11.75 -8.69 -5.14
N ILE A 242 11.20 -7.82 -5.99
CA ILE A 242 11.96 -7.20 -7.07
C ILE A 242 11.90 -5.69 -6.84
N SER A 243 13.05 -5.03 -6.86
CA SER A 243 13.09 -3.58 -6.64
C SER A 243 14.02 -2.86 -7.60
N VAL A 244 13.87 -1.55 -7.64
CA VAL A 244 14.68 -0.67 -8.47
C VAL A 244 15.06 0.54 -7.62
N PRO A 245 16.06 1.31 -8.07
CA PRO A 245 16.52 2.50 -7.34
C PRO A 245 15.39 3.51 -7.09
N GLY A 246 15.37 4.12 -5.92
CA GLY A 246 14.36 5.11 -5.62
C GLY A 246 14.69 6.48 -6.18
N TRP A 247 13.82 7.46 -5.91
CA TRP A 247 14.00 8.84 -6.39
C TRP A 247 15.16 9.54 -5.68
N ASN A 248 16.08 10.12 -6.45
CA ASN A 248 17.24 10.80 -5.86
C ASN A 248 16.95 12.21 -5.38
N GLY A 249 15.72 12.67 -5.59
CA GLY A 249 15.34 14.01 -5.16
C GLY A 249 15.16 15.01 -6.27
#